data_3JVH
#
_entry.id   3JVH
#
_cell.length_a   117.120
_cell.length_b   67.650
_cell.length_c   60.000
_cell.angle_alpha   90.000
_cell.angle_beta   96.320
_cell.angle_gamma   90.000
#
_symmetry.space_group_name_H-M   'C 1 2 1'
#
loop_
_entity.id
_entity.type
_entity.pdbx_description
1 polymer '2-C-methyl-D-erythritol 2,4-cyclodiphosphate synthase'
2 non-polymer 'ZINC ION'
3 non-polymer 5-[(pyridin-3-ylmethyl)amino]-1H-pyrazole-4-carboxamide
4 non-polymer GLYCEROL
5 water water
#
_entity_poly.entity_id   1
_entity_poly.type   'polypeptide(L)'
_entity_poly.pdbx_seq_one_letter_code
;MAHHHHHHMGTLEAQTQGPGSMDFRIGQGYDVHQLVPGRPLIIGGVTIPYERGLLGHSDADVLLHAITDALFGAAALGDI
GRHFSDTDPRFKGADSRALLRECASRVAQAGFAIRNVDSTIIAQAPKLAPHIDAMRANIAADLDLPLDRVNVKAKTNEKL
GYLGRGEGIEAQAAALVVREAAA
;
_entity_poly.pdbx_strand_id   A,B,C
#
loop_
_chem_comp.id
_chem_comp.type
_chem_comp.name
_chem_comp.formula
GOL non-polymer GLYCEROL 'C3 H8 O3'
HHV non-polymer 5-[(pyridin-3-ylmethyl)amino]-1H-pyrazole-4-carboxamide 'C10 H11 N5 O'
ZN non-polymer 'ZINC ION' 'Zn 2'
#
# COMPACT_ATOMS: atom_id res chain seq x y z
N MET A 22 -18.84 11.52 -10.82
CA MET A 22 -17.90 12.17 -9.86
C MET A 22 -17.66 11.30 -8.62
N ASP A 23 -18.35 10.16 -8.56
CA ASP A 23 -18.33 9.32 -7.36
C ASP A 23 -17.16 8.33 -7.40
N PHE A 24 -15.96 8.86 -7.25
CA PHE A 24 -14.74 8.04 -7.31
C PHE A 24 -14.50 7.37 -5.97
N ARG A 25 -13.84 6.21 -6.03
CA ARG A 25 -13.45 5.46 -4.86
C ARG A 25 -12.12 4.82 -5.14
N ILE A 26 -11.31 4.72 -4.11
CA ILE A 26 -10.04 4.00 -4.21
C ILE A 26 -10.01 2.73 -3.35
N GLY A 27 -9.21 1.76 -3.80
CA GLY A 27 -9.03 0.51 -3.07
C GLY A 27 -7.57 0.12 -3.09
N GLN A 28 -7.16 -0.68 -2.13
CA GLN A 28 -5.79 -1.16 -2.06
C GLN A 28 -5.80 -2.65 -1.72
N GLY A 29 -4.79 -3.37 -2.21
CA GLY A 29 -4.75 -4.79 -1.92
C GLY A 29 -3.34 -5.23 -1.59
N TYR A 30 -3.25 -6.30 -0.81
CA TYR A 30 -1.99 -6.89 -0.43
C TYR A 30 -2.12 -8.40 -0.52
N ASP A 31 -1.08 -9.07 -0.99
CA ASP A 31 -1.05 -10.53 -0.91
C ASP A 31 0.36 -11.06 -0.82
N VAL A 32 0.52 -12.23 -0.22
CA VAL A 32 1.80 -12.90 -0.21
C VAL A 32 1.55 -14.40 -0.20
N HIS A 33 2.40 -15.14 -0.91
CA HIS A 33 2.35 -16.60 -0.89
C HIS A 33 3.76 -17.11 -0.78
N GLN A 34 3.88 -18.27 -0.14
CA GLN A 34 5.15 -18.96 -0.05
C GLN A 34 5.54 -19.48 -1.42
N LEU A 35 6.85 -19.52 -1.64
CA LEU A 35 7.42 -20.12 -2.83
C LEU A 35 7.91 -21.52 -2.45
N VAL A 36 7.40 -22.54 -3.13
CA VAL A 36 7.72 -23.95 -2.83
C VAL A 36 8.02 -24.75 -4.09
N PRO A 37 8.79 -25.85 -3.96
CA PRO A 37 9.00 -26.71 -5.12
C PRO A 37 7.69 -27.44 -5.51
N GLY A 38 7.57 -27.80 -6.78
CA GLY A 38 6.49 -28.67 -7.23
C GLY A 38 5.16 -27.98 -7.49
N ARG A 39 5.21 -26.65 -7.59
CA ARG A 39 4.06 -25.81 -7.95
C ARG A 39 4.42 -24.99 -9.18
N PRO A 40 3.44 -24.76 -10.07
CA PRO A 40 3.60 -23.82 -11.19
C PRO A 40 3.76 -22.42 -10.64
N LEU A 41 4.64 -21.61 -11.24
CA LEU A 41 4.74 -20.21 -10.85
C LEU A 41 3.86 -19.41 -11.78
N ILE A 42 2.74 -18.93 -11.25
CA ILE A 42 1.76 -18.19 -12.03
C ILE A 42 1.52 -16.86 -11.33
N ILE A 43 1.86 -15.78 -12.04
CA ILE A 43 1.76 -14.44 -11.51
C ILE A 43 1.18 -13.59 -12.63
N GLY A 44 0.13 -12.84 -12.32
CA GLY A 44 -0.56 -12.05 -13.33
C GLY A 44 -1.08 -12.92 -14.47
N GLY A 45 -1.41 -14.17 -14.16
CA GLY A 45 -1.95 -15.10 -15.18
C GLY A 45 -0.88 -15.72 -16.07
N VAL A 46 0.37 -15.32 -15.84
CA VAL A 46 1.48 -15.81 -16.66
C VAL A 46 2.18 -16.97 -15.98
N THR A 47 2.30 -18.09 -16.69
CA THR A 47 3.11 -19.21 -16.21
C THR A 47 4.57 -18.91 -16.53
N ILE A 48 5.36 -18.76 -15.47
CA ILE A 48 6.75 -18.37 -15.59
C ILE A 48 7.59 -19.61 -15.35
N PRO A 49 8.48 -19.94 -16.31
CA PRO A 49 9.40 -21.06 -16.10
C PRO A 49 10.22 -20.82 -14.84
N TYR A 50 10.13 -21.76 -13.91
CA TYR A 50 10.80 -21.65 -12.63
C TYR A 50 10.65 -22.95 -11.88
N GLU A 51 11.68 -23.29 -11.09
CA GLU A 51 11.75 -24.54 -10.35
C GLU A 51 10.87 -24.57 -9.10
N ARG A 52 10.35 -23.41 -8.73
CA ARG A 52 9.38 -23.30 -7.64
C ARG A 52 8.14 -22.55 -8.10
N GLY A 53 7.08 -22.65 -7.31
CA GLY A 53 5.83 -21.93 -7.56
C GLY A 53 5.17 -21.49 -6.27
N LEU A 54 4.07 -20.76 -6.39
CA LEU A 54 3.40 -20.21 -5.21
C LEU A 54 2.42 -21.21 -4.63
N LEU A 55 2.45 -21.32 -3.30
CA LEU A 55 1.62 -22.25 -2.57
C LEU A 55 0.31 -21.57 -2.16
N GLY A 56 -0.80 -22.20 -2.52
CA GLY A 56 -2.11 -21.71 -2.13
C GLY A 56 -3.18 -22.74 -2.42
N HIS A 57 -4.41 -22.41 -2.01
CA HIS A 57 -5.57 -23.23 -2.30
C HIS A 57 -5.91 -23.18 -3.80
N SER A 58 -5.88 -21.95 -4.34
CA SER A 58 -6.07 -21.71 -5.76
C SER A 58 -4.74 -21.90 -6.48
N ASP A 59 -4.61 -21.32 -7.68
CA ASP A 59 -3.32 -21.29 -8.36
C ASP A 59 -2.33 -20.34 -7.69
N ALA A 60 -2.79 -19.65 -6.65
CA ALA A 60 -1.96 -18.85 -5.76
C ALA A 60 -1.35 -17.62 -6.46
N ASP A 61 -2.09 -17.10 -7.43
CA ASP A 61 -1.61 -15.95 -8.19
C ASP A 61 -1.64 -14.69 -7.34
N VAL A 62 -0.49 -14.39 -6.74
CA VAL A 62 -0.40 -13.35 -5.74
C VAL A 62 -0.77 -11.96 -6.29
N LEU A 63 -0.40 -11.69 -7.54
CA LEU A 63 -0.68 -10.39 -8.15
C LEU A 63 -2.16 -10.25 -8.41
N LEU A 64 -2.78 -11.26 -9.02
CA LEU A 64 -4.21 -11.14 -9.31
C LEU A 64 -5.03 -11.05 -8.03
N HIS A 65 -4.62 -11.78 -6.99
CA HIS A 65 -5.32 -11.67 -5.72
C HIS A 65 -5.25 -10.26 -5.13
N ALA A 66 -4.06 -9.65 -5.16
CA ALA A 66 -3.92 -8.29 -4.66
C ALA A 66 -4.83 -7.33 -5.41
N ILE A 67 -4.90 -7.50 -6.73
CA ILE A 67 -5.72 -6.62 -7.55
C ILE A 67 -7.20 -6.86 -7.25
N THR A 68 -7.58 -8.13 -7.12
CA THR A 68 -8.95 -8.50 -6.78
C THR A 68 -9.39 -7.84 -5.45
N ASP A 69 -8.52 -7.90 -4.45
CA ASP A 69 -8.78 -7.27 -3.16
C ASP A 69 -8.91 -5.76 -3.29
N ALA A 70 -8.06 -5.14 -4.10
CA ALA A 70 -8.15 -3.70 -4.30
C ALA A 70 -9.47 -3.32 -4.95
N LEU A 71 -9.93 -4.13 -5.89
CA LEU A 71 -11.20 -3.82 -6.56
C LEU A 71 -12.39 -4.00 -5.61
N PHE A 72 -12.43 -5.14 -4.92
CA PHE A 72 -13.47 -5.33 -3.91
C PHE A 72 -13.42 -4.22 -2.87
N GLY A 73 -12.21 -3.80 -2.52
CA GLY A 73 -12.04 -2.76 -1.51
C GLY A 73 -12.57 -1.42 -1.96
N ALA A 74 -12.24 -1.04 -3.20
CA ALA A 74 -12.75 0.22 -3.80
C ALA A 74 -14.28 0.27 -3.87
N ALA A 75 -14.90 -0.88 -4.10
CA ALA A 75 -16.36 -0.98 -4.23
C ALA A 75 -17.06 -1.21 -2.88
N ALA A 76 -16.26 -1.28 -1.80
CA ALA A 76 -16.73 -1.64 -0.45
C ALA A 76 -17.53 -2.94 -0.41
N LEU A 77 -16.98 -3.95 -1.08
CA LEU A 77 -17.63 -5.26 -1.19
C LEU A 77 -16.90 -6.33 -0.38
N GLY A 78 -16.01 -5.90 0.53
CA GLY A 78 -15.33 -6.83 1.40
C GLY A 78 -14.00 -7.22 0.82
N ASP A 79 -13.77 -8.53 0.71
CA ASP A 79 -12.47 -9.02 0.25
C ASP A 79 -12.62 -10.37 -0.43
N ILE A 80 -11.52 -10.88 -0.93
CA ILE A 80 -11.54 -12.08 -1.75
C ILE A 80 -12.01 -13.29 -0.91
N GLY A 81 -11.68 -13.30 0.38
CA GLY A 81 -12.16 -14.35 1.29
C GLY A 81 -13.67 -14.38 1.45
N ARG A 82 -14.29 -13.21 1.44
CA ARG A 82 -15.76 -13.11 1.52
C ARG A 82 -16.40 -13.69 0.26
N HIS A 83 -15.80 -13.40 -0.89
CA HIS A 83 -16.38 -13.76 -2.17
C HIS A 83 -16.01 -15.15 -2.67
N PHE A 84 -14.77 -15.56 -2.42
CA PHE A 84 -14.19 -16.81 -2.94
C PHE A 84 -13.39 -17.51 -1.82
N SER A 85 -14.10 -18.16 -0.91
CA SER A 85 -13.51 -18.66 0.32
C SER A 85 -12.39 -19.70 0.13
N ASP A 86 -11.29 -19.53 0.86
CA ASP A 86 -10.11 -20.42 0.80
C ASP A 86 -10.37 -21.81 1.40
N THR A 87 -11.53 -21.98 2.02
CA THR A 87 -11.95 -23.28 2.56
C THR A 87 -12.96 -24.00 1.66
N ASP A 88 -13.41 -23.31 0.61
CA ASP A 88 -14.37 -23.84 -0.35
C ASP A 88 -13.65 -24.68 -1.42
N PRO A 89 -13.94 -25.99 -1.48
CA PRO A 89 -13.27 -26.90 -2.44
C PRO A 89 -13.48 -26.56 -3.92
N ARG A 90 -14.46 -25.71 -4.23
CA ARG A 90 -14.71 -25.30 -5.62
C ARG A 90 -13.59 -24.38 -6.14
N PHE A 91 -12.84 -23.80 -5.21
CA PHE A 91 -11.72 -22.92 -5.55
C PHE A 91 -10.36 -23.60 -5.42
N LYS A 92 -10.35 -24.92 -5.21
CA LYS A 92 -9.09 -25.67 -5.19
C LYS A 92 -8.49 -25.64 -6.59
N GLY A 93 -7.30 -25.08 -6.70
CA GLY A 93 -6.61 -24.96 -7.98
C GLY A 93 -7.25 -23.95 -8.91
N ALA A 94 -8.14 -23.12 -8.36
CA ALA A 94 -8.90 -22.15 -9.16
C ALA A 94 -8.02 -21.22 -9.99
N ASP A 95 -8.49 -20.94 -11.21
CA ASP A 95 -7.85 -19.98 -12.10
C ASP A 95 -8.14 -18.60 -11.53
N SER A 96 -7.12 -17.91 -11.04
CA SER A 96 -7.30 -16.58 -10.46
C SER A 96 -7.74 -15.53 -11.47
N ARG A 97 -7.55 -15.81 -12.76
CA ARG A 97 -8.09 -14.92 -13.79
C ARG A 97 -9.61 -15.02 -13.82
N ALA A 98 -10.14 -16.24 -13.67
CA ALA A 98 -11.59 -16.42 -13.57
C ALA A 98 -12.11 -15.68 -12.33
N LEU A 99 -11.36 -15.74 -11.23
CA LEU A 99 -11.75 -15.05 -10.02
C LEU A 99 -11.75 -13.55 -10.23
N LEU A 100 -10.69 -13.05 -10.87
CA LEU A 100 -10.62 -11.62 -11.15
C LEU A 100 -11.77 -11.15 -12.05
N ARG A 101 -12.11 -11.93 -13.07
CA ARG A 101 -13.23 -11.56 -13.93
C ARG A 101 -14.55 -11.54 -13.16
N GLU A 102 -14.72 -12.48 -12.24
CA GLU A 102 -15.95 -12.52 -11.44
C GLU A 102 -16.00 -11.33 -10.49
N CYS A 103 -14.85 -11.00 -9.91
CA CYS A 103 -14.73 -9.81 -9.09
C CYS A 103 -15.16 -8.58 -9.89
N ALA A 104 -14.60 -8.44 -11.09
CA ALA A 104 -14.91 -7.28 -11.94
C ALA A 104 -16.40 -7.24 -12.27
N SER A 105 -17.00 -8.41 -12.48
CA SER A 105 -18.43 -8.54 -12.72
C SER A 105 -19.24 -8.07 -11.51
N ARG A 106 -18.83 -8.45 -10.30
CA ARG A 106 -19.56 -8.02 -9.11
C ARG A 106 -19.39 -6.53 -8.85
N VAL A 107 -18.18 -6.01 -9.11
CA VAL A 107 -17.90 -4.58 -8.98
C VAL A 107 -18.80 -3.79 -9.94
N ALA A 108 -18.90 -4.27 -11.18
CA ALA A 108 -19.81 -3.67 -12.17
C ALA A 108 -21.26 -3.77 -11.70
N GLN A 109 -21.63 -4.93 -11.17
CA GLN A 109 -23.00 -5.12 -10.69
C GLN A 109 -23.34 -4.18 -9.54
N ALA A 110 -22.32 -3.83 -8.75
CA ALA A 110 -22.49 -2.88 -7.65
C ALA A 110 -22.61 -1.45 -8.17
N GLY A 111 -22.35 -1.25 -9.47
CA GLY A 111 -22.52 0.05 -10.10
C GLY A 111 -21.24 0.81 -10.42
N PHE A 112 -20.10 0.14 -10.28
CA PHE A 112 -18.79 0.79 -10.48
C PHE A 112 -18.15 0.46 -11.82
N ALA A 113 -17.50 1.46 -12.40
CA ALA A 113 -16.64 1.26 -13.54
C ALA A 113 -15.20 1.38 -13.07
N ILE A 114 -14.31 0.55 -13.61
CA ILE A 114 -12.91 0.63 -13.21
C ILE A 114 -12.19 1.67 -14.05
N ARG A 115 -11.46 2.58 -13.40
CA ARG A 115 -10.68 3.59 -14.12
C ARG A 115 -9.20 3.21 -14.32
N ASN A 116 -8.57 2.66 -13.29
CA ASN A 116 -7.20 2.17 -13.47
C ASN A 116 -6.77 1.26 -12.34
N VAL A 117 -5.74 0.48 -12.64
CA VAL A 117 -5.11 -0.40 -11.68
CA VAL A 117 -5.10 -0.33 -11.63
C VAL A 117 -3.60 -0.16 -11.73
N ASP A 118 -2.97 -0.13 -10.57
CA ASP A 118 -1.53 -0.11 -10.49
C ASP A 118 -1.12 -1.19 -9.49
N SER A 119 0.08 -1.71 -9.62
CA SER A 119 0.45 -2.82 -8.79
C SER A 119 1.97 -2.96 -8.72
N THR A 120 2.44 -3.69 -7.72
CA THR A 120 3.87 -4.00 -7.57
C THR A 120 3.99 -5.47 -7.18
N ILE A 121 4.95 -6.15 -7.79
CA ILE A 121 5.31 -7.50 -7.36
C ILE A 121 6.69 -7.40 -6.75
N ILE A 122 6.91 -8.09 -5.64
CA ILE A 122 8.21 -8.08 -5.00
CA ILE A 122 8.21 -8.08 -4.99
C ILE A 122 8.71 -9.51 -4.87
N ALA A 123 9.82 -9.80 -5.54
CA ALA A 123 10.41 -11.14 -5.60
C ALA A 123 11.91 -11.08 -5.79
N GLN A 124 12.63 -11.94 -5.05
CA GLN A 124 14.07 -12.04 -5.21
C GLN A 124 14.40 -12.64 -6.58
N ALA A 125 13.56 -13.59 -7.00
CA ALA A 125 13.75 -14.34 -8.24
C ALA A 125 12.42 -14.99 -8.59
N PRO A 126 12.22 -15.35 -9.87
CA PRO A 126 13.08 -15.06 -11.01
C PRO A 126 12.93 -13.60 -11.46
N LYS A 127 13.64 -13.24 -12.53
CA LYS A 127 13.50 -11.93 -13.15
C LYS A 127 12.09 -11.85 -13.71
N LEU A 128 11.38 -10.77 -13.34
CA LEU A 128 9.98 -10.62 -13.78
C LEU A 128 9.80 -9.68 -14.96
N ALA A 129 10.79 -8.81 -15.20
CA ALA A 129 10.71 -7.87 -16.32
C ALA A 129 10.20 -8.50 -17.64
N PRO A 130 10.72 -9.69 -18.02
CA PRO A 130 10.32 -10.28 -19.32
C PRO A 130 8.84 -10.70 -19.40
N HIS A 131 8.17 -10.72 -18.25
CA HIS A 131 6.80 -11.24 -18.16
C HIS A 131 5.78 -10.16 -17.86
N ILE A 132 6.25 -8.97 -17.51
CA ILE A 132 5.38 -7.90 -17.05
C ILE A 132 4.36 -7.47 -18.07
N ASP A 133 4.77 -7.35 -19.34
CA ASP A 133 3.84 -6.88 -20.38
C ASP A 133 2.72 -7.89 -20.55
N ALA A 134 3.08 -9.16 -20.48
CA ALA A 134 2.09 -10.24 -20.59
C ALA A 134 1.10 -10.21 -19.39
N MET A 135 1.59 -9.90 -18.19
CA MET A 135 0.70 -9.76 -17.02
C MET A 135 -0.24 -8.59 -17.21
N ARG A 136 0.33 -7.45 -17.60
CA ARG A 136 -0.49 -6.28 -17.90
C ARG A 136 -1.61 -6.59 -18.90
N ALA A 137 -1.27 -7.29 -19.99
CA ALA A 137 -2.23 -7.67 -21.00
C ALA A 137 -3.34 -8.57 -20.43
N ASN A 138 -2.97 -9.48 -19.55
CA ASN A 138 -3.96 -10.40 -18.96
C ASN A 138 -4.93 -9.65 -18.06
N ILE A 139 -4.39 -8.75 -17.25
CA ILE A 139 -5.22 -7.98 -16.35
C ILE A 139 -6.15 -7.06 -17.12
N ALA A 140 -5.60 -6.38 -18.13
CA ALA A 140 -6.42 -5.52 -18.99
C ALA A 140 -7.55 -6.29 -19.67
N ALA A 141 -7.24 -7.49 -20.16
CA ALA A 141 -8.26 -8.37 -20.73
C ALA A 141 -9.37 -8.71 -19.72
N ASP A 142 -8.96 -9.10 -18.51
CA ASP A 142 -9.89 -9.56 -17.49
C ASP A 142 -10.78 -8.44 -16.96
N LEU A 143 -10.25 -7.22 -16.97
CA LEU A 143 -10.99 -6.06 -16.48
C LEU A 143 -11.68 -5.28 -17.61
N ASP A 144 -11.54 -5.79 -18.83
CA ASP A 144 -11.98 -5.10 -20.05
C ASP A 144 -11.52 -3.65 -20.05
N LEU A 145 -10.22 -3.46 -19.82
CA LEU A 145 -9.59 -2.15 -19.85
C LEU A 145 -8.58 -2.09 -20.98
N PRO A 146 -8.32 -0.89 -21.49
CA PRO A 146 -7.18 -0.73 -22.37
C PRO A 146 -5.88 -0.89 -21.60
N LEU A 147 -4.81 -1.29 -22.29
CA LEU A 147 -3.51 -1.46 -21.63
C LEU A 147 -3.06 -0.23 -20.86
N ASP A 148 -3.38 0.95 -21.38
CA ASP A 148 -2.92 2.19 -20.78
C ASP A 148 -3.61 2.57 -19.46
N ARG A 149 -4.52 1.72 -18.99
CA ARG A 149 -5.11 1.90 -17.66
C ARG A 149 -4.68 0.81 -16.67
N VAL A 150 -3.70 0.02 -17.08
CA VAL A 150 -3.21 -1.08 -16.23
C VAL A 150 -1.71 -0.99 -16.10
N ASN A 151 -1.22 -1.09 -14.87
CA ASN A 151 0.22 -1.04 -14.65
C ASN A 151 0.69 -2.07 -13.67
N VAL A 152 1.81 -2.71 -14.00
CA VAL A 152 2.45 -3.70 -13.14
C VAL A 152 3.92 -3.35 -13.01
N LYS A 153 4.39 -3.22 -11.76
CA LYS A 153 5.76 -2.85 -11.46
C LYS A 153 6.44 -4.01 -10.77
N ALA A 154 7.71 -4.21 -11.09
CA ALA A 154 8.45 -5.33 -10.52
C ALA A 154 9.61 -4.84 -9.67
N LYS A 155 9.73 -5.39 -8.46
CA LYS A 155 10.71 -4.95 -7.47
C LYS A 155 11.40 -6.19 -6.89
N THR A 156 12.62 -6.00 -6.39
CA THR A 156 13.18 -6.97 -5.45
C THR A 156 13.03 -6.34 -4.05
N ASN A 157 13.36 -7.08 -3.00
CA ASN A 157 13.32 -6.51 -1.65
C ASN A 157 14.70 -6.12 -1.15
N GLU A 158 15.62 -5.88 -2.09
CA GLU A 158 17.00 -5.50 -1.77
C GLU A 158 17.61 -6.40 -0.71
N LYS A 159 17.37 -7.71 -0.88
CA LYS A 159 17.97 -8.76 -0.06
C LYS A 159 17.45 -8.84 1.38
N LEU A 160 16.42 -8.06 1.71
CA LEU A 160 15.93 -8.02 3.09
C LEU A 160 14.78 -8.99 3.39
N GLY A 161 14.88 -9.68 4.53
CA GLY A 161 13.75 -10.43 5.06
C GLY A 161 13.41 -11.68 4.27
N TYR A 162 12.24 -12.25 4.56
CA TYR A 162 11.83 -13.49 3.92
C TYR A 162 11.69 -13.32 2.40
N LEU A 163 11.35 -12.11 1.94
CA LEU A 163 11.30 -11.85 0.51
C LEU A 163 12.70 -11.89 -0.07
N GLY A 164 13.65 -11.27 0.63
CA GLY A 164 15.06 -11.31 0.22
C GLY A 164 15.65 -12.72 0.17
N ARG A 165 15.16 -13.58 1.06
CA ARG A 165 15.58 -14.98 1.12
C ARG A 165 14.81 -15.85 0.14
N GLY A 166 13.93 -15.24 -0.63
CA GLY A 166 13.14 -15.95 -1.64
C GLY A 166 12.16 -16.97 -1.07
N GLU A 167 11.62 -16.69 0.10
CA GLU A 167 10.70 -17.61 0.78
C GLU A 167 9.27 -17.42 0.30
N GLY A 168 9.02 -16.27 -0.30
CA GLY A 168 7.70 -15.97 -0.81
C GLY A 168 7.77 -14.82 -1.78
N ILE A 169 6.63 -14.51 -2.38
CA ILE A 169 6.52 -13.37 -3.28
C ILE A 169 5.34 -12.55 -2.82
N GLU A 170 5.50 -11.22 -2.82
CA GLU A 170 4.43 -10.32 -2.38
C GLU A 170 3.89 -9.53 -3.56
N ALA A 171 2.61 -9.17 -3.49
CA ALA A 171 2.03 -8.21 -4.44
C ALA A 171 1.24 -7.12 -3.71
N GLN A 172 1.28 -5.91 -4.25
CA GLN A 172 0.53 -4.76 -3.77
C GLN A 172 -0.28 -4.22 -4.95
N ALA A 173 -1.47 -3.71 -4.67
CA ALA A 173 -2.28 -3.13 -5.74
C ALA A 173 -3.05 -1.93 -5.27
N ALA A 174 -3.34 -1.04 -6.21
CA ALA A 174 -4.23 0.08 -6.00
C ALA A 174 -5.19 0.14 -7.17
N ALA A 175 -6.44 0.48 -6.90
CA ALA A 175 -7.44 0.60 -7.95
C ALA A 175 -8.28 1.84 -7.73
N LEU A 176 -8.61 2.51 -8.82
CA LEU A 176 -9.57 3.60 -8.82
C LEU A 176 -10.79 3.19 -9.62
N VAL A 177 -11.96 3.38 -9.02
CA VAL A 177 -13.23 3.10 -9.67
C VAL A 177 -14.11 4.34 -9.55
N VAL A 178 -15.24 4.33 -10.28
CA VAL A 178 -16.22 5.38 -10.16
C VAL A 178 -17.61 4.75 -10.21
N ARG A 179 -18.49 5.18 -9.31
CA ARG A 179 -19.86 4.65 -9.29
C ARG A 179 -20.69 5.43 -10.31
N MET B 22 -13.79 18.88 -8.13
CA MET B 22 -12.90 17.84 -8.70
C MET B 22 -11.47 17.89 -8.12
N ASP B 23 -11.31 18.49 -6.94
CA ASP B 23 -9.99 18.56 -6.29
C ASP B 23 -9.83 17.37 -5.34
N PHE B 24 -9.70 16.20 -5.95
CA PHE B 24 -9.48 14.96 -5.22
C PHE B 24 -8.04 14.82 -4.75
N ARG B 25 -7.87 14.12 -3.62
CA ARG B 25 -6.54 13.81 -3.09
C ARG B 25 -6.59 12.40 -2.54
N ILE B 26 -5.48 11.68 -2.65
CA ILE B 26 -5.40 10.37 -2.02
C ILE B 26 -4.43 10.36 -0.87
N GLY B 27 -4.66 9.43 0.04
CA GLY B 27 -3.78 9.24 1.17
C GLY B 27 -3.60 7.78 1.44
N GLN B 28 -2.50 7.44 2.09
CA GLN B 28 -2.21 6.06 2.42
C GLN B 28 -1.65 5.97 3.83
N GLY B 29 -1.88 4.85 4.48
CA GLY B 29 -1.47 4.67 5.87
C GLY B 29 -0.92 3.28 6.14
N TYR B 30 -0.02 3.21 7.09
CA TYR B 30 0.61 1.96 7.53
C TYR B 30 0.74 1.99 9.03
N ASP B 31 0.50 0.86 9.67
CA ASP B 31 0.83 0.73 11.08
C ASP B 31 1.08 -0.72 11.43
N VAL B 32 1.88 -0.96 12.47
CA VAL B 32 2.12 -2.31 12.99
C VAL B 32 2.34 -2.20 14.49
N HIS B 33 1.87 -3.21 15.20
CA HIS B 33 2.13 -3.34 16.64
C HIS B 33 2.50 -4.76 16.98
N GLN B 34 3.31 -4.93 18.03
CA GLN B 34 3.66 -6.27 18.53
C GLN B 34 2.45 -6.94 19.21
N LEU B 35 2.37 -8.26 19.04
CA LEU B 35 1.28 -9.05 19.59
C LEU B 35 1.85 -9.87 20.74
N VAL B 36 1.37 -9.57 21.95
CA VAL B 36 1.96 -10.11 23.17
C VAL B 36 0.87 -10.58 24.15
N PRO B 37 1.13 -11.66 24.93
CA PRO B 37 0.20 -11.94 26.01
C PRO B 37 0.13 -10.79 26.99
N GLY B 38 -1.04 -10.56 27.56
CA GLY B 38 -1.19 -9.60 28.66
C GLY B 38 -1.95 -8.34 28.33
N ARG B 39 -2.27 -8.15 27.05
CA ARG B 39 -3.05 -7.01 26.60
C ARG B 39 -4.27 -7.47 25.80
N PRO B 40 -5.37 -6.71 25.85
CA PRO B 40 -6.53 -7.06 25.02
C PRO B 40 -6.24 -6.77 23.55
N LEU B 41 -6.95 -7.46 22.67
CA LEU B 41 -6.81 -7.22 21.23
C LEU B 41 -7.93 -6.33 20.75
N ILE B 42 -7.59 -5.08 20.41
CA ILE B 42 -8.58 -4.12 19.92
C ILE B 42 -8.17 -3.68 18.52
N ILE B 43 -9.04 -3.95 17.57
CA ILE B 43 -8.79 -3.61 16.17
C ILE B 43 -10.06 -3.01 15.60
N GLY B 44 -9.96 -1.80 15.05
CA GLY B 44 -11.12 -1.11 14.48
C GLY B 44 -12.17 -0.80 15.53
N GLY B 45 -11.71 -0.54 16.76
CA GLY B 45 -12.60 -0.26 17.88
C GLY B 45 -13.26 -1.50 18.48
N VAL B 46 -12.97 -2.66 17.91
CA VAL B 46 -13.57 -3.92 18.36
C VAL B 46 -12.64 -4.74 19.23
N THR B 47 -13.11 -5.09 20.43
CA THR B 47 -12.34 -5.98 21.28
C THR B 47 -12.59 -7.41 20.85
N ILE B 48 -11.51 -8.11 20.51
CA ILE B 48 -11.60 -9.45 19.96
C ILE B 48 -11.00 -10.42 20.96
N PRO B 49 -11.77 -11.45 21.36
CA PRO B 49 -11.22 -12.38 22.35
C PRO B 49 -10.02 -13.12 21.75
N TYR B 50 -8.90 -13.04 22.45
CA TYR B 50 -7.66 -13.67 22.01
C TYR B 50 -6.69 -13.74 23.18
N GLU B 51 -5.80 -14.73 23.16
CA GLU B 51 -4.84 -14.95 24.23
CA GLU B 51 -4.84 -14.94 24.24
C GLU B 51 -3.77 -13.86 24.27
N ARG B 52 -3.79 -12.97 23.27
CA ARG B 52 -2.80 -11.90 23.17
C ARG B 52 -3.40 -10.59 22.64
N GLY B 53 -2.67 -9.50 22.84
CA GLY B 53 -3.13 -8.19 22.45
C GLY B 53 -2.02 -7.32 21.91
N LEU B 54 -2.41 -6.17 21.35
CA LEU B 54 -1.45 -5.28 20.71
C LEU B 54 -0.84 -4.33 21.72
N LEU B 55 0.49 -4.23 21.66
CA LEU B 55 1.26 -3.38 22.56
C LEU B 55 1.46 -2.00 21.94
N GLY B 56 1.05 -0.97 22.69
CA GLY B 56 1.19 0.41 22.26
C GLY B 56 0.94 1.36 23.41
N HIS B 57 0.85 2.66 23.11
CA HIS B 57 0.65 3.69 24.13
C HIS B 57 -0.69 3.56 24.85
N SER B 58 -1.77 3.40 24.07
CA SER B 58 -3.11 3.26 24.63
C SER B 58 -3.71 1.90 24.30
N ASP B 59 -4.63 1.86 23.34
CA ASP B 59 -5.29 0.63 22.94
C ASP B 59 -4.56 -0.05 21.78
N ALA B 60 -3.59 0.65 21.20
CA ALA B 60 -2.78 0.15 20.09
C ALA B 60 -3.63 -0.32 18.91
N ASP B 61 -4.68 0.44 18.59
CA ASP B 61 -5.58 0.05 17.49
C ASP B 61 -4.94 0.30 16.13
N VAL B 62 -4.26 -0.74 15.65
CA VAL B 62 -3.46 -0.68 14.44
C VAL B 62 -4.28 -0.25 13.22
N LEU B 63 -5.54 -0.67 13.17
CA LEU B 63 -6.37 -0.37 12.01
C LEU B 63 -6.78 1.10 12.00
N LEU B 64 -7.22 1.60 13.14
CA LEU B 64 -7.63 2.99 13.23
C LEU B 64 -6.45 3.93 13.00
N HIS B 65 -5.28 3.55 13.52
CA HIS B 65 -4.07 4.34 13.31
C HIS B 65 -3.73 4.47 11.83
N ALA B 66 -3.74 3.36 11.10
CA ALA B 66 -3.46 3.40 9.66
C ALA B 66 -4.47 4.29 8.93
N ILE B 67 -5.74 4.18 9.31
CA ILE B 67 -6.77 4.98 8.65
C ILE B 67 -6.56 6.47 8.96
N THR B 68 -6.22 6.76 10.21
CA THR B 68 -5.98 8.13 10.65
C THR B 68 -4.81 8.72 9.83
N ASP B 69 -3.72 7.97 9.71
CA ASP B 69 -2.58 8.40 8.88
C ASP B 69 -2.97 8.64 7.41
N ALA B 70 -3.78 7.75 6.84
CA ALA B 70 -4.21 7.90 5.45
C ALA B 70 -5.03 9.19 5.26
N LEU B 71 -5.83 9.52 6.26
CA LEU B 71 -6.67 10.71 6.17
C LEU B 71 -5.82 11.98 6.28
N PHE B 72 -4.92 12.01 7.26
CA PHE B 72 -4.01 13.14 7.37
C PHE B 72 -3.17 13.26 6.10
N GLY B 73 -2.78 12.12 5.55
CA GLY B 73 -1.96 12.11 4.34
C GLY B 73 -2.69 12.69 3.13
N ALA B 74 -3.98 12.36 3.00
CA ALA B 74 -4.78 12.85 1.87
C ALA B 74 -4.96 14.37 1.97
N ALA B 75 -5.03 14.86 3.20
CA ALA B 75 -5.24 16.29 3.43
C ALA B 75 -3.92 17.06 3.49
N ALA B 76 -2.81 16.33 3.36
CA ALA B 76 -1.44 16.85 3.51
C ALA B 76 -1.25 17.59 4.84
N LEU B 77 -1.74 16.97 5.90
CA LEU B 77 -1.64 17.51 7.24
C LEU B 77 -0.58 16.85 8.12
N GLY B 78 0.30 16.07 7.51
CA GLY B 78 1.36 15.38 8.27
C GLY B 78 0.93 13.97 8.64
N ASP B 79 1.05 13.62 9.92
CA ASP B 79 0.72 12.27 10.40
C ASP B 79 0.23 12.28 11.85
N ILE B 80 -0.10 11.10 12.38
CA ILE B 80 -0.55 10.97 13.78
C ILE B 80 0.37 11.63 14.79
N GLY B 81 1.69 11.41 14.64
CA GLY B 81 2.67 11.95 15.57
C GLY B 81 2.72 13.46 15.63
N ARG B 82 2.41 14.10 14.49
CA ARG B 82 2.38 15.55 14.44
CA ARG B 82 2.37 15.56 14.41
C ARG B 82 1.17 16.12 15.17
N HIS B 83 0.05 15.41 15.09
CA HIS B 83 -1.21 15.88 15.67
C HIS B 83 -1.43 15.48 17.12
N PHE B 84 -1.04 14.24 17.46
CA PHE B 84 -1.40 13.66 18.75
C PHE B 84 -0.17 13.21 19.56
N ALA B 94 -6.96 9.07 25.87
CA ALA B 94 -7.78 9.07 24.65
C ALA B 94 -7.59 7.82 23.81
N ASP B 95 -8.69 7.14 23.49
CA ASP B 95 -8.61 5.96 22.64
C ASP B 95 -8.54 6.33 21.15
N SER B 96 -8.22 5.35 20.33
CA SER B 96 -7.96 5.60 18.91
C SER B 96 -9.19 6.08 18.13
N ARG B 97 -10.38 5.77 18.62
CA ARG B 97 -11.61 6.25 18.00
C ARG B 97 -11.79 7.75 18.24
N ALA B 98 -11.43 8.21 19.44
CA ALA B 98 -11.42 9.64 19.75
C ALA B 98 -10.44 10.38 18.82
N LEU B 99 -9.27 9.78 18.61
CA LEU B 99 -8.25 10.34 17.71
C LEU B 99 -8.74 10.37 16.26
N LEU B 100 -9.43 9.30 15.84
CA LEU B 100 -9.96 9.24 14.48
C LEU B 100 -11.00 10.34 14.26
N ARG B 101 -11.87 10.54 15.25
CA ARG B 101 -12.87 11.60 15.18
C ARG B 101 -12.22 12.99 15.10
N GLU B 102 -11.16 13.22 15.88
CA GLU B 102 -10.46 14.50 15.85
C GLU B 102 -9.75 14.71 14.52
N CYS B 103 -9.16 13.63 14.03
CA CYS B 103 -8.56 13.60 12.69
C CYS B 103 -9.58 14.07 11.65
N ALA B 104 -10.76 13.47 11.67
CA ALA B 104 -11.83 13.78 10.72
C ALA B 104 -12.27 15.25 10.82
N SER B 105 -12.30 15.78 12.04
CA SER B 105 -12.62 17.18 12.29
CA SER B 105 -12.62 17.18 12.27
C SER B 105 -11.59 18.09 11.61
N ARG B 106 -10.32 17.72 11.73
CA ARG B 106 -9.23 18.52 11.20
C ARG B 106 -9.19 18.48 9.67
N VAL B 107 -9.43 17.29 9.12
CA VAL B 107 -9.56 17.12 7.67
C VAL B 107 -10.71 17.98 7.14
N ALA B 108 -11.85 17.97 7.84
CA ALA B 108 -13.00 18.78 7.45
C ALA B 108 -12.67 20.27 7.47
N GLN B 109 -11.94 20.69 8.50
CA GLN B 109 -11.60 22.11 8.68
C GLN B 109 -10.61 22.61 7.62
N ALA B 110 -9.76 21.70 7.16
CA ALA B 110 -8.79 21.97 6.11
C ALA B 110 -9.45 22.10 4.74
N GLY B 111 -10.76 21.79 4.69
CA GLY B 111 -11.57 21.94 3.48
C GLY B 111 -11.94 20.67 2.75
N PHE B 112 -11.63 19.52 3.34
CA PHE B 112 -11.80 18.23 2.65
C PHE B 112 -12.99 17.40 3.14
N ALA B 113 -13.73 16.84 2.18
CA ALA B 113 -14.76 15.86 2.48
C ALA B 113 -14.20 14.48 2.18
N ILE B 114 -14.42 13.53 3.08
CA ILE B 114 -13.99 12.14 2.85
C ILE B 114 -14.95 11.44 1.89
N ARG B 115 -14.38 10.77 0.89
CA ARG B 115 -15.18 10.05 -0.10
C ARG B 115 -15.20 8.55 0.16
N ASN B 116 -14.06 7.96 0.49
CA ASN B 116 -14.06 6.55 0.93
C ASN B 116 -12.77 6.14 1.63
N VAL B 117 -12.86 5.02 2.35
CA VAL B 117 -11.72 4.41 3.03
CA VAL B 117 -11.69 4.42 2.96
C VAL B 117 -11.69 2.93 2.70
N ASP B 118 -10.51 2.41 2.40
CA ASP B 118 -10.34 0.98 2.24
C ASP B 118 -9.13 0.60 3.08
N SER B 119 -9.07 -0.65 3.52
CA SER B 119 -8.03 -1.05 4.44
C SER B 119 -7.84 -2.56 4.43
N THR B 120 -6.71 -3.00 4.96
CA THR B 120 -6.37 -4.40 5.12
C THR B 120 -5.68 -4.57 6.47
N ILE B 121 -6.18 -5.52 7.23
CA ILE B 121 -5.49 -6.02 8.42
C ILE B 121 -4.78 -7.32 8.07
N ILE B 122 -3.50 -7.40 8.44
CA ILE B 122 -2.73 -8.64 8.26
CA ILE B 122 -2.75 -8.65 8.26
C ILE B 122 -2.44 -9.24 9.63
N ALA B 123 -3.04 -10.39 9.90
CA ALA B 123 -2.87 -11.07 11.18
C ALA B 123 -2.93 -12.56 10.90
N GLN B 124 -1.98 -13.33 11.45
CA GLN B 124 -2.00 -14.77 11.21
C GLN B 124 -3.17 -15.41 11.98
N ALA B 125 -3.51 -14.80 13.13
CA ALA B 125 -4.61 -15.24 13.97
C ALA B 125 -4.98 -14.07 14.87
N PRO B 126 -6.24 -14.02 15.37
CA PRO B 126 -7.34 -14.95 15.14
C PRO B 126 -8.09 -14.60 13.86
N LYS B 127 -9.18 -15.32 13.60
CA LYS B 127 -10.04 -15.01 12.45
C LYS B 127 -10.71 -13.65 12.67
N LEU B 128 -10.61 -12.78 11.67
CA LEU B 128 -11.16 -11.43 11.78
C LEU B 128 -12.49 -11.22 11.06
N ALA B 129 -12.79 -12.11 10.12
CA ALA B 129 -14.05 -12.05 9.36
C ALA B 129 -15.31 -11.74 10.18
N PRO B 130 -15.51 -12.41 11.34
CA PRO B 130 -16.72 -12.17 12.15
C PRO B 130 -16.85 -10.72 12.66
N HIS B 131 -15.74 -9.99 12.71
CA HIS B 131 -15.73 -8.66 13.34
C HIS B 131 -15.68 -7.51 12.33
N ILE B 132 -15.65 -7.84 11.04
CA ILE B 132 -15.50 -6.83 9.99
C ILE B 132 -16.63 -5.80 9.96
N ASP B 133 -17.87 -6.26 10.00
CA ASP B 133 -18.99 -5.34 9.98
C ASP B 133 -18.97 -4.40 11.17
N ALA B 134 -18.56 -4.92 12.33
CA ALA B 134 -18.43 -4.12 13.55
C ALA B 134 -17.35 -3.04 13.38
N MET B 135 -16.21 -3.39 12.81
CA MET B 135 -15.17 -2.40 12.55
C MET B 135 -15.64 -1.35 11.55
N ARG B 136 -16.28 -1.79 10.47
CA ARG B 136 -16.79 -0.88 9.46
C ARG B 136 -17.79 0.08 10.06
N ALA B 137 -18.69 -0.46 10.89
CA ALA B 137 -19.66 0.36 11.61
C ALA B 137 -19.00 1.41 12.51
N ASN B 138 -17.98 1.01 13.27
CA ASN B 138 -17.24 1.96 14.14
C ASN B 138 -16.56 3.06 13.33
N ILE B 139 -15.90 2.65 12.24
CA ILE B 139 -15.14 3.58 11.41
C ILE B 139 -16.09 4.55 10.71
N ALA B 140 -17.16 4.02 10.10
CA ALA B 140 -18.14 4.88 9.43
C ALA B 140 -18.77 5.91 10.37
N ALA B 141 -19.09 5.47 11.59
CA ALA B 141 -19.61 6.38 12.63
C ALA B 141 -18.62 7.52 12.91
N ASP B 142 -17.37 7.15 13.16
CA ASP B 142 -16.33 8.11 13.52
C ASP B 142 -16.01 9.11 12.40
N LEU B 143 -16.18 8.67 11.15
CA LEU B 143 -15.93 9.53 9.98
C LEU B 143 -17.18 10.20 9.42
N ASP B 144 -18.32 9.93 10.04
CA ASP B 144 -19.63 10.39 9.54
C ASP B 144 -19.81 10.06 8.07
N LEU B 145 -19.51 8.80 7.72
CA LEU B 145 -19.64 8.29 6.35
C LEU B 145 -20.74 7.25 6.23
N PRO B 146 -21.41 7.18 5.06
CA PRO B 146 -22.24 6.01 4.82
C PRO B 146 -21.40 4.73 4.89
N LEU B 147 -22.02 3.67 5.39
CA LEU B 147 -21.35 2.40 5.56
C LEU B 147 -20.70 1.91 4.27
N ASP B 148 -21.35 2.19 3.14
CA ASP B 148 -20.85 1.72 1.85
C ASP B 148 -19.66 2.50 1.31
N ARG B 149 -19.11 3.40 2.12
CA ARG B 149 -17.88 4.12 1.74
C ARG B 149 -16.71 3.69 2.61
N VAL B 150 -16.92 2.64 3.41
CA VAL B 150 -15.89 2.14 4.33
C VAL B 150 -15.71 0.65 4.11
N ASN B 151 -14.46 0.24 3.88
CA ASN B 151 -14.18 -1.18 3.70
C ASN B 151 -13.00 -1.61 4.54
N VAL B 152 -13.10 -2.81 5.12
CA VAL B 152 -12.00 -3.41 5.84
C VAL B 152 -11.82 -4.84 5.33
N LYS B 153 -10.57 -5.17 4.98
CA LYS B 153 -10.23 -6.51 4.49
C LYS B 153 -9.30 -7.18 5.47
N ALA B 154 -9.27 -8.51 5.42
CA ALA B 154 -8.49 -9.31 6.38
C ALA B 154 -7.62 -10.31 5.65
N LYS B 155 -6.35 -10.39 6.04
CA LYS B 155 -5.39 -11.25 5.35
C LYS B 155 -4.54 -11.95 6.40
N THR B 156 -4.04 -13.14 6.08
CA THR B 156 -2.93 -13.69 6.85
C THR B 156 -1.66 -13.42 6.07
N ASN B 157 -0.52 -13.74 6.68
CA ASN B 157 0.75 -13.59 6.01
C ASN B 157 1.33 -14.92 5.56
N GLU B 158 0.47 -15.91 5.44
CA GLU B 158 0.87 -17.24 4.96
C GLU B 158 2.10 -17.77 5.70
N LYS B 159 2.10 -17.54 7.01
CA LYS B 159 3.13 -18.06 7.91
C LYS B 159 4.54 -17.52 7.65
N LEU B 160 4.64 -16.41 6.92
CA LEU B 160 5.92 -15.77 6.60
C LEU B 160 6.20 -14.61 7.54
N GLY B 161 7.41 -14.55 8.06
CA GLY B 161 7.87 -13.38 8.81
C GLY B 161 7.22 -13.23 10.17
N TYR B 162 7.53 -12.12 10.83
CA TYR B 162 6.98 -11.85 12.17
C TYR B 162 5.44 -11.85 12.18
N LEU B 163 4.84 -11.40 11.08
CA LEU B 163 3.38 -11.44 10.96
C LEU B 163 2.91 -12.88 10.92
N GLY B 164 3.59 -13.70 10.11
CA GLY B 164 3.24 -15.10 9.92
C GLY B 164 3.42 -15.93 11.18
N ARG B 165 4.29 -15.45 12.08
CA ARG B 165 4.57 -16.14 13.34
C ARG B 165 3.71 -15.61 14.49
N GLY B 166 2.81 -14.69 14.18
CA GLY B 166 1.89 -14.11 15.18
C GLY B 166 2.58 -13.15 16.14
N GLU B 167 3.65 -12.52 15.70
CA GLU B 167 4.43 -11.66 16.58
C GLU B 167 3.95 -10.22 16.54
N GLY B 168 3.12 -9.92 15.55
CA GLY B 168 2.59 -8.59 15.35
C GLY B 168 1.41 -8.60 14.40
N ILE B 169 0.72 -7.47 14.32
CA ILE B 169 -0.40 -7.31 13.38
C ILE B 169 -0.19 -6.00 12.64
N GLU B 170 -0.37 -6.05 11.33
CA GLU B 170 -0.17 -4.88 10.46
C GLU B 170 -1.52 -4.39 9.95
N ALA B 171 -1.62 -3.08 9.71
CA ALA B 171 -2.75 -2.55 8.96
C ALA B 171 -2.29 -1.57 7.86
N GLN B 172 -3.03 -1.57 6.76
CA GLN B 172 -2.77 -0.69 5.64
C GLN B 172 -4.08 0.00 5.32
N ALA B 173 -4.04 1.26 4.95
CA ALA B 173 -5.24 2.02 4.64
C ALA B 173 -5.03 2.93 3.45
N ALA B 174 -6.12 3.17 2.73
CA ALA B 174 -6.15 4.11 1.62
C ALA B 174 -7.37 4.98 1.82
N ALA B 175 -7.23 6.27 1.56
CA ALA B 175 -8.36 7.17 1.69
C ALA B 175 -8.42 8.14 0.52
N LEU B 176 -9.63 8.39 0.05
CA LEU B 176 -9.85 9.38 -0.98
C LEU B 176 -10.67 10.52 -0.39
N VAL B 177 -10.20 11.74 -0.57
CA VAL B 177 -10.94 12.93 -0.12
C VAL B 177 -11.11 13.91 -1.27
N VAL B 178 -11.93 14.94 -1.07
CA VAL B 178 -12.09 15.98 -2.08
C VAL B 178 -12.23 17.35 -1.43
N ARG B 179 -11.63 18.37 -2.05
CA ARG B 179 -11.89 19.78 -1.71
C ARG B 179 -13.33 19.97 -1.26
N MET C 22 -11.66 14.75 -15.87
CA MET C 22 -12.11 13.79 -14.82
C MET C 22 -11.44 12.45 -15.02
N ASP C 23 -10.42 12.40 -15.87
CA ASP C 23 -9.68 11.15 -16.10
C ASP C 23 -8.57 10.98 -15.04
N PHE C 24 -9.01 10.75 -13.80
CA PHE C 24 -8.11 10.53 -12.70
C PHE C 24 -7.51 9.13 -12.71
N ARG C 25 -6.29 9.02 -12.22
CA ARG C 25 -5.61 7.72 -12.07
C ARG C 25 -4.87 7.71 -10.76
N ILE C 26 -4.81 6.53 -10.14
CA ILE C 26 -4.00 6.38 -8.94
C ILE C 26 -2.79 5.45 -9.12
N GLY C 27 -1.73 5.74 -8.38
CA GLY C 27 -0.53 4.92 -8.40
C GLY C 27 -0.04 4.66 -7.00
N GLN C 28 0.69 3.57 -6.85
CA GLN C 28 1.27 3.23 -5.54
C GLN C 28 2.70 2.79 -5.73
N GLY C 29 3.55 3.11 -4.75
CA GLY C 29 4.96 2.78 -4.87
C GLY C 29 5.48 2.21 -3.56
N TYR C 30 6.49 1.37 -3.70
CA TYR C 30 7.13 0.70 -2.57
C TYR C 30 8.61 0.66 -2.85
N ASP C 31 9.41 0.94 -1.82
CA ASP C 31 10.84 0.71 -1.93
C ASP C 31 11.44 0.37 -0.58
N VAL C 32 12.55 -0.34 -0.60
CA VAL C 32 13.30 -0.60 0.62
C VAL C 32 14.78 -0.67 0.27
N HIS C 33 15.61 -0.15 1.15
CA HIS C 33 17.06 -0.24 0.98
C HIS C 33 17.68 -0.65 2.28
N GLN C 34 18.80 -1.34 2.18
CA GLN C 34 19.59 -1.69 3.34
C GLN C 34 20.32 -0.48 3.89
N LEU C 35 20.44 -0.44 5.21
CA LEU C 35 21.28 0.53 5.91
C LEU C 35 22.68 -0.03 6.09
N VAL C 36 23.68 0.71 5.61
CA VAL C 36 25.08 0.24 5.61
C VAL C 36 26.04 1.31 6.12
N PRO C 37 27.17 0.90 6.72
CA PRO C 37 28.19 1.87 7.16
C PRO C 37 28.81 2.62 5.98
N GLY C 38 29.30 3.82 6.24
CA GLY C 38 30.14 4.54 5.28
C GLY C 38 29.42 5.31 4.19
N ARG C 39 28.10 5.44 4.32
CA ARG C 39 27.29 6.18 3.36
C ARG C 39 26.38 7.20 4.06
N PRO C 40 26.14 8.35 3.41
CA PRO C 40 25.24 9.35 3.97
C PRO C 40 23.80 8.83 3.95
N LEU C 41 23.02 9.19 4.96
CA LEU C 41 21.60 8.85 4.96
C LEU C 41 20.86 9.98 4.28
N ILE C 42 20.30 9.70 3.11
CA ILE C 42 19.57 10.69 2.32
C ILE C 42 18.16 10.17 2.08
N ILE C 43 17.19 10.90 2.61
CA ILE C 43 15.77 10.54 2.44
C ILE C 43 15.00 11.78 2.08
N GLY C 44 14.23 11.71 1.00
CA GLY C 44 13.48 12.87 0.51
C GLY C 44 14.41 14.02 0.18
N GLY C 45 15.62 13.69 -0.28
CA GLY C 45 16.61 14.71 -0.64
C GLY C 45 17.33 15.32 0.56
N VAL C 46 16.95 14.91 1.76
CA VAL C 46 17.54 15.47 2.99
C VAL C 46 18.64 14.57 3.52
N THR C 47 19.84 15.13 3.71
CA THR C 47 20.92 14.42 4.38
C THR C 47 20.69 14.46 5.88
N ILE C 48 20.54 13.29 6.48
CA ILE C 48 20.23 13.18 7.90
C ILE C 48 21.44 12.61 8.64
N PRO C 49 21.91 13.33 9.69
CA PRO C 49 23.04 12.83 10.47
C PRO C 49 22.75 11.42 11.01
N TYR C 50 23.65 10.49 10.71
CA TYR C 50 23.47 9.08 11.08
C TYR C 50 24.71 8.29 10.69
N GLU C 51 25.05 7.29 11.51
CA GLU C 51 26.26 6.51 11.32
C GLU C 51 26.22 5.58 10.10
N ARG C 52 25.01 5.34 9.59
CA ARG C 52 24.81 4.51 8.41
C ARG C 52 23.98 5.25 7.36
N GLY C 53 23.99 4.72 6.14
CA GLY C 53 23.24 5.30 5.04
C GLY C 53 22.65 4.21 4.17
N LEU C 54 21.85 4.59 3.18
CA LEU C 54 21.17 3.58 2.38
C LEU C 54 22.03 3.10 1.23
N LEU C 55 21.96 1.80 0.97
CA LEU C 55 22.74 1.14 -0.07
C LEU C 55 21.95 1.08 -1.38
N GLY C 56 22.57 1.53 -2.46
CA GLY C 56 21.99 1.44 -3.78
C GLY C 56 22.97 1.91 -4.83
N HIS C 57 22.62 1.71 -6.10
CA HIS C 57 23.44 2.19 -7.21
C HIS C 57 23.50 3.71 -7.18
N SER C 58 22.35 4.31 -6.88
CA SER C 58 22.18 5.76 -6.75
C SER C 58 22.53 6.22 -5.34
N ASP C 59 22.00 7.37 -4.94
CA ASP C 59 22.03 7.83 -3.56
C ASP C 59 21.03 7.04 -2.69
N ALA C 60 20.34 6.10 -3.33
CA ALA C 60 19.46 5.16 -2.64
C ALA C 60 18.37 5.86 -1.83
N ASP C 61 17.84 6.94 -2.38
CA ASP C 61 16.78 7.68 -1.70
C ASP C 61 15.46 6.91 -1.79
N VAL C 62 15.21 6.12 -0.76
CA VAL C 62 14.09 5.19 -0.72
C VAL C 62 12.73 5.90 -0.87
N LEU C 63 12.62 7.07 -0.26
CA LEU C 63 11.37 7.83 -0.34
C LEU C 63 11.11 8.32 -1.76
N LEU C 64 12.14 8.91 -2.37
CA LEU C 64 11.99 9.47 -3.72
C LEU C 64 11.73 8.37 -4.74
N HIS C 65 12.38 7.22 -4.54
CA HIS C 65 12.10 6.07 -5.39
C HIS C 65 10.65 5.60 -5.30
N ALA C 66 10.11 5.51 -4.09
CA ALA C 66 8.71 5.06 -3.90
C ALA C 66 7.77 6.03 -4.61
N ILE C 67 8.03 7.32 -4.44
CA ILE C 67 7.19 8.33 -5.08
C ILE C 67 7.30 8.24 -6.60
N THR C 68 8.52 8.06 -7.09
CA THR C 68 8.78 7.89 -8.52
C THR C 68 7.96 6.72 -9.09
N ASP C 69 8.04 5.57 -8.42
CA ASP C 69 7.25 4.42 -8.85
C ASP C 69 5.74 4.69 -8.79
N ALA C 70 5.25 5.38 -7.74
CA ALA C 70 3.81 5.70 -7.66
C ALA C 70 3.39 6.56 -8.84
N LEU C 71 4.24 7.52 -9.20
CA LEU C 71 3.93 8.40 -10.34
C LEU C 71 3.95 7.65 -11.67
N PHE C 72 4.99 6.87 -11.91
CA PHE C 72 4.99 5.99 -13.10
C PHE C 72 3.79 5.07 -13.13
N GLY C 73 3.43 4.51 -11.96
CA GLY C 73 2.27 3.63 -11.86
C GLY C 73 0.98 4.32 -12.23
N ALA C 74 0.78 5.53 -11.70
CA ALA C 74 -0.45 6.27 -11.96
C ALA C 74 -0.61 6.63 -13.44
N ALA C 75 0.50 6.94 -14.10
CA ALA C 75 0.52 7.24 -15.53
C ALA C 75 0.60 5.99 -16.43
N ALA C 76 0.62 4.82 -15.82
CA ALA C 76 0.79 3.54 -16.50
C ALA C 76 2.01 3.54 -17.40
N LEU C 77 3.12 4.05 -16.86
CA LEU C 77 4.37 4.13 -17.59
C LEU C 77 5.38 3.08 -17.15
N GLY C 78 4.93 2.06 -16.41
CA GLY C 78 5.84 1.02 -15.93
C GLY C 78 6.43 1.34 -14.57
N ASP C 79 7.76 1.29 -14.47
CA ASP C 79 8.43 1.52 -13.18
C ASP C 79 9.84 2.08 -13.42
N ILE C 80 10.57 2.38 -12.34
CA ILE C 80 11.92 2.93 -12.48
C ILE C 80 12.81 2.11 -13.41
N GLY C 81 12.69 0.78 -13.31
CA GLY C 81 13.51 -0.13 -14.12
C GLY C 81 13.31 0.01 -15.62
N ARG C 82 12.09 0.36 -16.01
CA ARG C 82 11.75 0.61 -17.41
C ARG C 82 12.35 1.91 -17.92
N HIS C 83 12.64 2.84 -17.00
CA HIS C 83 13.05 4.20 -17.39
C HIS C 83 14.53 4.52 -17.18
N PHE C 84 15.09 4.03 -16.09
CA PHE C 84 16.44 4.44 -15.67
C PHE C 84 17.38 3.25 -15.47
N PHE C 91 20.11 6.75 -15.37
CA PHE C 91 20.72 8.01 -15.80
C PHE C 91 22.09 8.21 -15.18
N LYS C 92 23.09 8.37 -16.04
CA LYS C 92 24.51 8.31 -15.67
C LYS C 92 24.91 9.05 -14.39
N GLY C 93 24.92 8.32 -13.28
CA GLY C 93 25.31 8.86 -11.97
C GLY C 93 24.38 9.88 -11.35
N ALA C 94 23.14 9.96 -11.86
CA ALA C 94 22.16 10.94 -11.38
C ALA C 94 21.69 10.64 -9.96
N ASP C 95 21.45 11.68 -9.18
CA ASP C 95 20.86 11.48 -7.85
C ASP C 95 19.36 11.28 -7.99
N SER C 96 18.71 10.89 -6.91
CA SER C 96 17.29 10.54 -7.00
C SER C 96 16.37 11.74 -7.26
N ARG C 97 16.85 12.95 -6.99
CA ARG C 97 16.03 14.12 -7.26
C ARG C 97 15.98 14.41 -8.74
N ALA C 98 17.11 14.21 -9.43
CA ALA C 98 17.14 14.35 -10.87
C ALA C 98 16.22 13.31 -11.50
N LEU C 99 16.20 12.11 -10.93
CA LEU C 99 15.33 11.07 -11.46
C LEU C 99 13.86 11.36 -11.18
N LEU C 100 13.57 11.94 -10.02
CA LEU C 100 12.19 12.31 -9.70
C LEU C 100 11.74 13.40 -10.66
N ARG C 101 12.62 14.36 -10.95
CA ARG C 101 12.31 15.43 -11.89
C ARG C 101 12.05 14.86 -13.28
N GLU C 102 12.84 13.86 -13.67
CA GLU C 102 12.69 13.23 -14.99
C GLU C 102 11.39 12.44 -15.04
N CYS C 103 11.09 11.76 -13.94
CA CYS C 103 9.82 11.04 -13.81
C CYS C 103 8.65 12.01 -14.02
N ALA C 104 8.68 13.15 -13.33
CA ALA C 104 7.66 14.19 -13.49
C ALA C 104 7.53 14.63 -14.95
N SER C 105 8.68 14.77 -15.62
CA SER C 105 8.74 15.09 -17.03
C SER C 105 8.00 14.06 -17.88
N ARG C 106 8.28 12.79 -17.65
CA ARG C 106 7.69 11.73 -18.45
C ARG C 106 6.19 11.58 -18.20
N VAL C 107 5.78 11.82 -16.96
CA VAL C 107 4.37 11.87 -16.60
C VAL C 107 3.65 12.98 -17.36
N ALA C 108 4.26 14.16 -17.41
CA ALA C 108 3.68 15.30 -18.14
C ALA C 108 3.63 15.00 -19.64
N GLN C 109 4.68 14.33 -20.14
CA GLN C 109 4.79 13.97 -21.56
C GLN C 109 3.67 13.04 -22.00
N ALA C 110 3.24 12.19 -21.07
CA ALA C 110 2.16 11.23 -21.34
C ALA C 110 0.77 11.87 -21.19
N GLY C 111 0.75 13.16 -20.82
CA GLY C 111 -0.48 13.95 -20.78
C GLY C 111 -1.14 13.98 -19.42
N PHE C 112 -0.37 13.72 -18.37
CA PHE C 112 -0.91 13.73 -17.02
C PHE C 112 -0.43 14.89 -16.21
N ALA C 113 -1.30 15.38 -15.34
CA ALA C 113 -0.93 16.36 -14.32
C ALA C 113 -0.99 15.70 -12.97
N ILE C 114 -0.04 16.04 -12.09
CA ILE C 114 -0.01 15.47 -10.74
C ILE C 114 -0.92 16.26 -9.81
N ARG C 115 -1.81 15.56 -9.11
CA ARG C 115 -2.71 16.23 -8.16
C ARG C 115 -2.22 16.21 -6.73
N ASN C 116 -1.71 15.06 -6.28
CA ASN C 116 -1.10 15.00 -4.95
C ASN C 116 -0.27 13.76 -4.75
N VAL C 117 0.63 13.83 -3.78
CA VAL C 117 1.47 12.71 -3.35
CA VAL C 117 1.39 12.67 -3.35
C VAL C 117 1.37 12.57 -1.84
N ASP C 118 1.26 11.33 -1.36
CA ASP C 118 1.34 11.02 0.04
C ASP C 118 2.33 9.87 0.18
N SER C 119 2.94 9.78 1.35
CA SER C 119 3.98 8.77 1.54
C SER C 119 4.22 8.51 3.00
N THR C 120 4.87 7.40 3.28
CA THR C 120 5.28 7.01 4.62
C THR C 120 6.70 6.48 4.54
N ILE C 121 7.53 6.94 5.48
CA ILE C 121 8.84 6.34 5.66
C ILE C 121 8.80 5.49 6.91
N ILE C 122 9.31 4.27 6.82
CA ILE C 122 9.41 3.40 7.99
CA ILE C 122 9.41 3.41 8.00
C ILE C 122 10.87 3.18 8.34
N ALA C 123 11.28 3.75 9.48
CA ALA C 123 12.66 3.64 9.98
C ALA C 123 12.61 3.57 11.49
N GLN C 124 13.33 2.61 12.07
CA GLN C 124 13.40 2.51 13.52
C GLN C 124 14.23 3.65 14.08
N ALA C 125 15.25 4.03 13.31
CA ALA C 125 16.14 5.14 13.66
C ALA C 125 16.77 5.65 12.36
N PRO C 126 17.21 6.93 12.34
CA PRO C 126 17.09 7.96 13.36
C PRO C 126 15.69 8.60 13.35
N LYS C 127 15.48 9.57 14.21
CA LYS C 127 14.21 10.31 14.23
C LYS C 127 14.09 11.17 12.98
N LEU C 128 12.95 11.04 12.30
CA LEU C 128 12.76 11.70 11.01
C LEU C 128 11.92 12.96 11.09
N ALA C 129 11.16 13.10 12.18
CA ALA C 129 10.29 14.26 12.39
C ALA C 129 10.91 15.63 12.06
N PRO C 130 12.15 15.90 12.54
CA PRO C 130 12.74 17.23 12.29
C PRO C 130 13.04 17.52 10.82
N HIS C 131 12.95 16.49 9.99
CA HIS C 131 13.34 16.57 8.61
C HIS C 131 12.21 16.53 7.59
N ILE C 132 11.04 16.20 8.08
CA ILE C 132 9.87 15.97 7.23
C ILE C 132 9.48 17.17 6.37
N ASP C 133 9.43 18.35 6.97
CA ASP C 133 9.04 19.53 6.20
C ASP C 133 10.05 19.84 5.08
N ALA C 134 11.34 19.60 5.32
CA ALA C 134 12.37 19.77 4.28
C ALA C 134 12.15 18.78 3.13
N MET C 135 11.81 17.54 3.47
CA MET C 135 11.51 16.53 2.44
C MET C 135 10.32 16.94 1.60
N ARG C 136 9.25 17.40 2.24
CA ARG C 136 8.06 17.88 1.53
C ARG C 136 8.40 19.02 0.59
N ALA C 137 9.22 19.96 1.08
CA ALA C 137 9.64 21.09 0.25
C ALA C 137 10.44 20.62 -0.97
N ASN C 138 11.35 19.67 -0.76
CA ASN C 138 12.14 19.10 -1.85
C ASN C 138 11.28 18.42 -2.92
N ILE C 139 10.37 17.58 -2.47
CA ILE C 139 9.46 16.86 -3.36
C ILE C 139 8.58 17.83 -4.12
N ALA C 140 8.01 18.80 -3.41
CA ALA C 140 7.17 19.80 -4.02
C ALA C 140 7.93 20.58 -5.11
N ALA C 141 9.18 20.95 -4.82
CA ALA C 141 9.99 21.65 -5.81
C ALA C 141 10.26 20.79 -7.04
N ASP C 142 10.59 19.52 -6.80
CA ASP C 142 10.93 18.59 -7.88
C ASP C 142 9.74 18.28 -8.79
N LEU C 143 8.55 18.23 -8.20
CA LEU C 143 7.33 17.92 -8.95
C LEU C 143 6.59 19.16 -9.43
N ASP C 144 7.13 20.34 -9.14
CA ASP C 144 6.44 21.59 -9.42
C ASP C 144 5.00 21.59 -8.87
N LEU C 145 4.88 21.25 -7.59
CA LEU C 145 3.62 21.23 -6.86
C LEU C 145 3.67 22.19 -5.69
N PRO C 146 2.52 22.74 -5.28
CA PRO C 146 2.47 23.50 -4.04
C PRO C 146 2.61 22.56 -2.85
N LEU C 147 3.05 23.10 -1.72
CA LEU C 147 3.37 22.28 -0.55
C LEU C 147 2.15 21.50 -0.05
N ASP C 148 0.97 22.08 -0.25
CA ASP C 148 -0.25 21.51 0.29
C ASP C 148 -0.77 20.32 -0.54
N ARG C 149 0.01 19.92 -1.54
CA ARG C 149 -0.32 18.74 -2.34
C ARG C 149 0.71 17.63 -2.16
N VAL C 150 1.63 17.83 -1.22
CA VAL C 150 2.69 16.86 -0.94
C VAL C 150 2.70 16.51 0.53
N ASN C 151 2.70 15.22 0.84
CA ASN C 151 2.76 14.81 2.22
C ASN C 151 3.75 13.69 2.45
N VAL C 152 4.44 13.76 3.59
CA VAL C 152 5.38 12.74 4.02
C VAL C 152 5.10 12.41 5.49
N LYS C 153 4.97 11.12 5.80
CA LYS C 153 4.69 10.65 7.14
C LYS C 153 5.82 9.76 7.62
N ALA C 154 6.07 9.76 8.92
CA ALA C 154 7.18 9.00 9.49
C ALA C 154 6.67 7.94 10.48
N LYS C 155 7.17 6.72 10.34
CA LYS C 155 6.76 5.60 11.19
C LYS C 155 7.99 4.83 11.65
N THR C 156 7.92 4.20 12.83
CA THR C 156 8.85 3.12 13.16
C THR C 156 8.16 1.79 12.90
N ASN C 157 8.92 0.70 12.99
CA ASN C 157 8.35 -0.62 12.84
C ASN C 157 8.13 -1.38 14.15
N GLU C 158 8.05 -0.63 15.26
CA GLU C 158 7.82 -1.20 16.59
C GLU C 158 8.77 -2.37 16.90
N LYS C 159 10.02 -2.19 16.47
CA LYS C 159 11.11 -3.15 16.67
C LYS C 159 10.89 -4.53 16.02
N LEU C 160 9.99 -4.62 15.05
CA LEU C 160 9.70 -5.88 14.37
C LEU C 160 10.46 -6.03 13.06
N GLY C 161 11.00 -7.23 12.85
CA GLY C 161 11.65 -7.59 11.58
C GLY C 161 12.89 -6.78 11.28
N TYR C 162 13.33 -6.84 10.02
CA TYR C 162 14.58 -6.17 9.61
C TYR C 162 14.47 -4.65 9.76
N LEU C 163 13.29 -4.07 9.53
CA LEU C 163 13.11 -2.63 9.75
C LEU C 163 13.28 -2.30 11.24
N GLY C 164 12.70 -3.13 12.10
CA GLY C 164 12.78 -2.95 13.55
C GLY C 164 14.19 -3.11 14.08
N ARG C 165 14.98 -3.94 13.41
CA ARG C 165 16.38 -4.15 13.83
C ARG C 165 17.30 -3.10 13.24
N GLY C 166 16.73 -2.17 12.46
CA GLY C 166 17.49 -1.09 11.84
C GLY C 166 18.35 -1.55 10.68
N GLU C 167 17.93 -2.62 10.01
CA GLU C 167 18.68 -3.18 8.88
C GLU C 167 18.37 -2.54 7.54
N GLY C 168 17.21 -1.89 7.46
CA GLY C 168 16.85 -1.15 6.28
C GLY C 168 15.81 -0.09 6.59
N ILE C 169 15.41 0.64 5.56
CA ILE C 169 14.37 1.67 5.70
C ILE C 169 13.44 1.48 4.50
N GLU C 170 12.14 1.51 4.78
CA GLU C 170 11.13 1.29 3.74
C GLU C 170 10.42 2.60 3.45
N ALA C 171 9.95 2.79 2.23
CA ALA C 171 9.05 3.88 1.94
C ALA C 171 7.88 3.37 1.11
N GLN C 172 6.72 3.96 1.35
CA GLN C 172 5.50 3.68 0.61
C GLN C 172 5.01 5.01 0.08
N ALA C 173 4.40 4.98 -1.10
CA ALA C 173 3.85 6.23 -1.67
C ALA C 173 2.55 5.99 -2.40
N ALA C 174 1.73 7.04 -2.47
CA ALA C 174 0.51 7.00 -3.24
C ALA C 174 0.50 8.30 -4.03
N ALA C 175 0.06 8.21 -5.29
CA ALA C 175 -0.03 9.41 -6.13
C ALA C 175 -1.31 9.44 -6.92
N LEU C 176 -1.91 10.63 -6.99
CA LEU C 176 -3.07 10.85 -7.81
C LEU C 176 -2.70 11.78 -8.97
N VAL C 177 -3.02 11.37 -10.19
CA VAL C 177 -2.83 12.22 -11.36
C VAL C 177 -4.11 12.33 -12.16
N VAL C 178 -4.13 13.25 -13.12
CA VAL C 178 -5.26 13.36 -14.01
C VAL C 178 -4.78 13.55 -15.44
N ARG C 179 -5.40 12.85 -16.37
CA ARG C 179 -5.07 13.00 -17.78
C ARG C 179 -5.82 14.20 -18.33
N GLU C 180 -5.07 15.26 -18.62
CA GLU C 180 -5.63 16.54 -19.06
C GLU C 180 -5.88 16.57 -20.56
ZN ZN D . -3.31 -15.02 -2.71
C01 HHV E . -9.04 -13.04 2.35
C02 HHV E . -8.35 -13.74 1.39
N03 HHV E . -7.74 -12.93 0.51
N04 HHV E . -8.08 -11.62 0.95
C05 HHV E . -8.87 -11.69 2.06
N06 HHV E . -8.30 -15.09 1.32
C07 HHV E . -7.99 -15.80 0.10
C08 HHV E . -6.48 -15.92 0.01
C09 HHV E . -5.79 -15.32 -1.05
N10 HHV E . -4.47 -15.40 -1.13
C11 HHV E . -3.76 -16.06 -0.19
C12 HHV E . -4.39 -16.68 0.90
C13 HHV E . -5.77 -16.59 1.00
C14 HHV E . -9.79 -13.70 3.46
O15 HHV E . -9.71 -14.91 3.56
N16 HHV E . -10.51 -12.96 4.29
C1 GOL F . 4.67 -6.45 4.27
O1 GOL F . 4.50 -6.48 5.67
C2 GOL F . 5.97 -5.71 3.91
O2 GOL F . 6.73 -6.40 2.92
C3 GOL F . 5.62 -4.30 3.47
O3 GOL F . 4.88 -3.69 4.50
ZN ZN G . -0.45 2.27 16.00
C01 HHV H . 3.58 8.63 13.95
C02 HHV H . 2.78 7.82 14.70
N03 HHV H . 1.83 7.20 13.98
N04 HHV H . 2.06 7.67 12.66
C05 HHV H . 3.11 8.53 12.65
N06 HHV H . 2.93 7.67 16.03
C07 HHV H . 1.85 7.10 16.82
C08 HHV H . 2.07 5.60 16.82
C09 HHV H . 1.03 4.74 16.50
N10 HHV H . 1.22 3.42 16.48
C11 HHV H . 2.42 2.90 16.79
C12 HHV H . 3.49 3.71 17.11
C13 HHV H . 3.31 5.09 17.12
C14 HHV H . 4.71 9.41 14.54
O15 HHV H . 4.88 9.34 15.75
N16 HHV H . 5.46 10.16 13.75
ZN ZN I . 15.32 2.52 -4.22
C01 HHV J . 12.57 -1.23 -10.59
C02 HHV J . 13.38 -0.35 -9.88
N03 HHV J . 12.68 0.46 -9.07
N04 HHV J . 11.34 0.07 -9.28
C05 HHV J . 11.28 -0.95 -10.19
N06 HHV J . 14.74 -0.32 -10.02
C07 HHV J . 15.59 0.68 -9.41
C08 HHV J . 15.72 0.39 -7.92
C09 HHV J . 15.35 1.36 -7.00
N10 HHV J . 15.45 1.12 -5.68
C11 HHV J . 15.94 -0.06 -5.23
C12 HHV J . 16.32 -1.06 -6.12
C13 HHV J . 16.22 -0.83 -7.48
C14 HHV J . 13.11 -2.23 -11.56
O15 HHV J . 14.31 -2.35 -11.71
N16 HHV J . 12.23 -2.98 -12.24
#